data_3V7N
#
_entry.id   3V7N
#
_cell.length_a   55.560
_cell.length_b   90.240
_cell.length_c   98.600
_cell.angle_alpha   90.000
_cell.angle_beta   90.000
_cell.angle_gamma   90.000
#
_symmetry.space_group_name_H-M   'P 21 21 21'
#
loop_
_entity.id
_entity.type
_entity.pdbx_description
1 polymer 'Threonine synthase'
2 non-polymer 'MALONIC ACID'
3 non-polymer 1,2-ETHANEDIOL
4 non-polymer 'BORIC ACID'
5 water water
#
_entity_poly.entity_id   1
_entity_poly.type   'polypeptide(L)'
_entity_poly.pdbx_seq_one_letter_code
;GPGSMNYISTRGAGIGERHTFSDILLGGLAKDGGLYLPSEYPQVSADELARWRTLPYADLAFEILSKFCDDIAAADLRAI
TRRTYTADVYRHARRGGNAADITPLTTLGTENGAPVSLLELSNGPTLAFKDMAMQLLGNLFEYTLAKHGETLNILGATSG
DTGSAAEYAMRGKEGVRVFMLSPHKKMSAFQTAQMYSLQDPNIFNLAVNGVFDDCQDIVKAVSNDHAFKAQQKIGTVNSI
NWARVVAQVVYYFKGYFAATRSNDERVSFTVPSGNFGNVCAGHIARMMGLPIEKLVVATNENDVLDEFFRTGAYRVRSAQ
DTYHTSSPSMDISKASNFERFVFDLLGRDPARVVQLFRDVEQKGGFDLAASGDFARVAEFGFVSGRSTHADRIATIRDVF
ERYRTMIDTHTADGLKVAREHLRPGVPMVVLETAQPIKFGESIREALGQEPSRPAAFDGLEALPQRFEVVDANAQQVKDF
IAAHTGA
;
_entity_poly.pdbx_strand_id   A
#
# COMPACT_ATOMS: atom_id res chain seq x y z
N ASN A 6 -8.21 8.45 -19.40
CA ASN A 6 -6.82 8.85 -19.85
C ASN A 6 -5.79 9.23 -18.76
N TYR A 7 -4.63 8.61 -18.88
CA TYR A 7 -3.56 8.72 -17.90
C TYR A 7 -2.51 9.69 -18.41
N ILE A 8 -2.18 10.64 -17.53
CA ILE A 8 -1.21 11.69 -17.81
C ILE A 8 -0.15 11.72 -16.70
N SER A 9 0.87 12.55 -16.88
CA SER A 9 1.97 12.63 -15.98
C SER A 9 1.84 13.83 -15.01
N THR A 10 2.26 13.63 -13.76
CA THR A 10 2.38 14.72 -12.82
C THR A 10 3.31 15.84 -13.29
N ARG A 11 4.18 15.58 -14.26
CA ARG A 11 5.14 16.58 -14.74
C ARG A 11 4.83 17.09 -16.12
N GLY A 12 3.73 16.68 -16.72
CA GLY A 12 3.20 17.33 -17.91
C GLY A 12 3.04 16.49 -19.14
N ALA A 13 3.76 15.36 -19.20
CA ALA A 13 3.64 14.47 -20.37
C ALA A 13 2.23 13.86 -20.53
N GLY A 14 1.92 13.40 -21.74
CA GLY A 14 0.67 12.67 -21.99
C GLY A 14 -0.47 13.44 -22.58
N ILE A 15 -0.33 14.75 -22.70
CA ILE A 15 -1.40 15.54 -23.29
C ILE A 15 -1.30 15.34 -24.80
N GLY A 16 -2.44 15.12 -25.46
CA GLY A 16 -2.44 14.81 -26.87
C GLY A 16 -2.02 13.37 -27.16
N GLU A 17 -1.90 12.55 -26.13
CA GLU A 17 -1.62 11.12 -26.27
C GLU A 17 -2.73 10.34 -25.64
N ARG A 18 -2.66 9.02 -25.79
CA ARG A 18 -3.61 8.13 -25.11
C ARG A 18 -2.84 7.08 -24.33
N HIS A 19 -2.94 7.11 -23.00
CA HIS A 19 -2.43 6.07 -22.15
C HIS A 19 -3.61 5.52 -21.40
N THR A 20 -3.93 4.25 -21.67
CA THR A 20 -4.96 3.55 -20.97
C THR A 20 -4.40 2.99 -19.64
N PHE A 21 -5.31 2.47 -18.82
CA PHE A 21 -4.90 1.76 -17.61
C PHE A 21 -3.96 0.60 -17.94
N SER A 22 -4.28 -0.18 -18.96
CA SER A 22 -3.39 -1.29 -19.31
C SER A 22 -2.04 -0.81 -19.85
N ASP A 23 -2.04 0.32 -20.55
CA ASP A 23 -0.79 0.84 -21.10
C ASP A 23 0.18 1.16 -19.99
N ILE A 24 -0.30 1.62 -18.82
CA ILE A 24 0.59 2.00 -17.74
C ILE A 24 0.70 0.99 -16.60
N LEU A 25 0.07 -0.18 -16.78
CA LEU A 25 -0.09 -1.12 -15.73
C LEU A 25 1.18 -1.63 -15.11
N LEU A 26 2.14 -1.87 -15.97
CA LEU A 26 3.38 -2.41 -15.48
C LEU A 26 4.18 -1.43 -14.57
N GLY A 27 3.83 -0.13 -14.57
CA GLY A 27 4.22 0.83 -13.47
C GLY A 27 5.43 1.67 -13.76
N GLY A 28 5.83 1.75 -15.03
CA GLY A 28 6.94 2.66 -15.40
C GLY A 28 6.62 4.12 -15.03
N LEU A 29 7.65 4.92 -14.80
CA LEU A 29 7.44 6.37 -14.78
C LEU A 29 6.93 6.86 -16.14
N ALA A 30 6.32 8.05 -16.18
CA ALA A 30 6.08 8.69 -17.45
C ALA A 30 7.42 9.15 -18.07
N LYS A 31 7.32 9.55 -19.33
CA LYS A 31 8.51 9.85 -20.17
C LYS A 31 9.32 10.99 -19.58
N ASP A 32 8.67 11.88 -18.85
CA ASP A 32 9.31 13.05 -18.26
C ASP A 32 9.75 12.87 -16.81
N GLY A 33 9.67 11.66 -16.30
CA GLY A 33 10.09 11.38 -14.95
C GLY A 33 8.95 11.48 -13.91
N GLY A 34 7.79 11.94 -14.34
CA GLY A 34 6.61 12.06 -13.47
C GLY A 34 5.93 10.72 -13.29
N LEU A 35 4.87 10.75 -12.51
CA LEU A 35 4.03 9.58 -12.21
C LEU A 35 2.74 9.69 -12.97
N TYR A 36 2.21 8.56 -13.42
CA TYR A 36 0.93 8.59 -14.05
C TYR A 36 -0.21 8.75 -13.04
N LEU A 37 -1.23 9.48 -13.46
CA LEU A 37 -2.50 9.75 -12.70
C LEU A 37 -3.59 9.85 -13.73
N PRO A 38 -4.84 9.57 -13.35
CA PRO A 38 -5.92 9.79 -14.25
C PRO A 38 -6.17 11.30 -14.51
N SER A 39 -6.68 11.65 -15.67
CA SER A 39 -6.94 13.02 -15.95
C SER A 39 -8.14 13.57 -15.17
N GLU A 40 -8.96 12.72 -14.58
CA GLU A 40 -10.04 13.12 -13.67
C GLU A 40 -10.24 12.02 -12.72
N TYR A 41 -10.85 12.30 -11.60
CA TYR A 41 -11.28 11.27 -10.67
C TYR A 41 -12.71 10.90 -11.05
N PRO A 42 -12.97 9.62 -11.37
CA PRO A 42 -14.34 9.20 -11.68
C PRO A 42 -15.28 9.38 -10.53
N GLN A 43 -16.48 9.85 -10.80
CA GLN A 43 -17.44 10.21 -9.79
C GLN A 43 -18.44 9.09 -9.55
N VAL A 44 -18.76 8.85 -8.31
CA VAL A 44 -19.76 7.87 -7.89
C VAL A 44 -21.05 8.59 -7.56
N SER A 45 -22.12 8.33 -8.30
CA SER A 45 -23.37 9.00 -8.04
C SER A 45 -24.01 8.49 -6.79
N ALA A 46 -24.99 9.22 -6.28
CA ALA A 46 -25.76 8.76 -5.15
C ALA A 46 -26.41 7.42 -5.41
N ASP A 47 -26.92 7.21 -6.62
CA ASP A 47 -27.52 5.92 -6.95
CA ASP A 47 -27.52 5.92 -6.96
C ASP A 47 -26.49 4.78 -6.97
N GLU A 48 -25.33 5.06 -7.55
CA GLU A 48 -24.25 4.06 -7.55
C GLU A 48 -23.82 3.71 -6.11
N LEU A 49 -23.59 4.73 -5.29
CA LEU A 49 -23.18 4.47 -3.92
C LEU A 49 -24.20 3.62 -3.15
N ALA A 50 -25.49 3.88 -3.41
CA ALA A 50 -26.53 3.09 -2.79
C ALA A 50 -26.48 1.61 -3.24
N ARG A 51 -26.30 1.43 -4.55
CA ARG A 51 -26.21 0.10 -5.12
C ARG A 51 -24.99 -0.66 -4.61
N TRP A 52 -23.87 0.03 -4.36
CA TRP A 52 -22.63 -0.63 -4.00
C TRP A 52 -22.55 -1.07 -2.56
N ARG A 53 -23.38 -0.47 -1.71
CA ARG A 53 -23.36 -0.73 -0.25
C ARG A 53 -23.39 -2.18 0.07
N THR A 54 -24.19 -2.96 -0.64
CA THR A 54 -24.34 -4.36 -0.28
C THR A 54 -23.45 -5.30 -1.07
N LEU A 55 -22.51 -4.79 -1.88
CA LEU A 55 -21.69 -5.69 -2.67
C LEU A 55 -20.62 -6.41 -1.87
N PRO A 56 -20.44 -7.69 -2.18
CA PRO A 56 -19.24 -8.38 -1.65
C PRO A 56 -17.96 -7.70 -2.14
N TYR A 57 -16.87 -7.90 -1.40
CA TYR A 57 -15.60 -7.20 -1.68
C TYR A 57 -15.21 -7.32 -3.12
N ALA A 58 -15.21 -8.54 -3.67
CA ALA A 58 -14.74 -8.68 -5.06
C ALA A 58 -15.54 -7.88 -6.06
N ASP A 59 -16.84 -7.81 -5.84
CA ASP A 59 -17.72 -7.06 -6.76
C ASP A 59 -17.59 -5.56 -6.55
N LEU A 60 -17.40 -5.12 -5.31
CA LEU A 60 -17.09 -3.73 -5.04
C LEU A 60 -15.77 -3.35 -5.72
N ALA A 61 -14.77 -4.21 -5.60
CA ALA A 61 -13.51 -4.01 -6.30
C ALA A 61 -13.71 -3.89 -7.79
N PHE A 62 -14.52 -4.75 -8.37
CA PHE A 62 -14.86 -4.63 -9.82
C PHE A 62 -15.45 -3.27 -10.14
N GLU A 63 -16.38 -2.79 -9.36
CA GLU A 63 -16.99 -1.53 -9.65
C GLU A 63 -16.00 -0.40 -9.64
N ILE A 64 -15.14 -0.36 -8.65
CA ILE A 64 -14.12 0.70 -8.55
C ILE A 64 -13.07 0.53 -9.64
N LEU A 65 -12.53 -0.64 -9.88
CA LEU A 65 -11.52 -0.83 -10.91
C LEU A 65 -12.12 -0.42 -12.26
N SER A 66 -13.39 -0.72 -12.50
CA SER A 66 -14.06 -0.40 -13.76
C SER A 66 -14.07 1.13 -13.98
N LYS A 67 -14.17 1.93 -12.92
CA LYS A 67 -14.12 3.38 -13.07
C LYS A 67 -12.78 3.84 -13.59
N PHE A 68 -11.70 3.13 -13.28
CA PHE A 68 -10.34 3.50 -13.63
C PHE A 68 -9.79 2.80 -14.89
N CYS A 69 -10.48 1.78 -15.36
CA CYS A 69 -10.06 0.97 -16.49
C CYS A 69 -11.25 0.75 -17.40
N ASP A 70 -11.22 1.40 -18.58
CA ASP A 70 -12.23 1.17 -19.61
C ASP A 70 -11.69 0.31 -20.75
N ASP A 71 -10.44 -0.15 -20.65
CA ASP A 71 -9.86 -0.89 -21.81
C ASP A 71 -9.88 -2.39 -21.68
N ILE A 72 -10.09 -2.90 -20.46
CA ILE A 72 -10.27 -4.32 -20.16
C ILE A 72 -11.77 -4.60 -20.10
N ALA A 73 -12.21 -5.61 -20.84
CA ALA A 73 -13.60 -6.04 -20.85
C ALA A 73 -14.11 -6.20 -19.42
N ALA A 74 -15.31 -5.72 -19.17
CA ALA A 74 -15.91 -5.78 -17.83
C ALA A 74 -15.92 -7.19 -17.30
N ALA A 75 -16.32 -8.16 -18.10
CA ALA A 75 -16.36 -9.53 -17.63
C ALA A 75 -14.98 -10.02 -17.16
N ASP A 76 -13.95 -9.56 -17.79
CA ASP A 76 -12.57 -10.00 -17.48
C ASP A 76 -12.17 -9.33 -16.17
N LEU A 77 -12.46 -8.05 -15.98
CA LEU A 77 -12.19 -7.39 -14.71
C LEU A 77 -12.92 -8.07 -13.58
N ARG A 78 -14.17 -8.46 -13.76
CA ARG A 78 -14.88 -9.16 -12.69
C ARG A 78 -14.28 -10.53 -12.39
N ALA A 79 -13.89 -11.25 -13.43
CA ALA A 79 -13.21 -12.52 -13.21
C ALA A 79 -11.93 -12.34 -12.42
N ILE A 80 -11.19 -11.29 -12.75
CA ILE A 80 -9.91 -10.99 -12.04
C ILE A 80 -10.17 -10.66 -10.58
N THR A 81 -11.13 -9.76 -10.29
CA THR A 81 -11.33 -9.42 -8.88
C THR A 81 -11.93 -10.58 -8.09
N ARG A 82 -12.81 -11.35 -8.69
CA ARG A 82 -13.37 -12.50 -7.98
C ARG A 82 -12.34 -13.57 -7.73
N ARG A 83 -11.40 -13.78 -8.62
CA ARG A 83 -10.29 -14.72 -8.39
C ARG A 83 -9.38 -14.20 -7.28
N THR A 84 -9.17 -12.89 -7.24
CA THR A 84 -8.21 -12.30 -6.31
C THR A 84 -8.72 -12.29 -4.89
N TYR A 85 -9.95 -11.80 -4.66
CA TYR A 85 -10.44 -11.50 -3.31
C TYR A 85 -11.35 -12.59 -2.80
N THR A 86 -10.75 -13.64 -2.22
CA THR A 86 -11.50 -14.77 -1.68
C THR A 86 -11.13 -14.96 -0.21
N ALA A 87 -12.05 -15.61 0.49
CA ALA A 87 -11.82 -15.96 1.89
C ALA A 87 -10.60 -16.83 2.07
N ASP A 88 -10.36 -17.74 1.13
CA ASP A 88 -9.18 -18.58 1.22
C ASP A 88 -7.89 -17.83 1.20
N VAL A 89 -7.80 -16.77 0.36
CA VAL A 89 -6.57 -16.00 0.33
C VAL A 89 -6.47 -15.10 1.58
N TYR A 90 -7.57 -14.50 1.99
CA TYR A 90 -7.58 -13.52 3.09
C TYR A 90 -8.08 -14.21 4.37
N ARG A 91 -7.45 -15.36 4.67
CA ARG A 91 -7.96 -16.34 5.64
C ARG A 91 -7.56 -16.03 7.07
N HIS A 92 -6.62 -15.13 7.35
CA HIS A 92 -6.05 -15.00 8.69
C HIS A 92 -6.78 -14.00 9.55
N ALA A 93 -8.08 -14.14 9.63
CA ALA A 93 -8.91 -13.27 10.48
C ALA A 93 -8.75 -13.71 11.94
N ARG A 94 -8.22 -12.87 12.78
CA ARG A 94 -7.81 -13.28 14.14
C ARG A 94 -8.79 -12.83 15.20
N ARG A 95 -9.84 -12.13 14.85
CA ARG A 95 -10.77 -11.57 15.88
C ARG A 95 -12.18 -12.08 15.73
N GLY A 96 -12.32 -13.27 15.17
CA GLY A 96 -13.64 -13.85 14.99
C GLY A 96 -14.42 -13.37 13.79
N GLY A 97 -13.74 -12.63 12.92
CA GLY A 97 -14.37 -12.08 11.76
C GLY A 97 -14.62 -13.09 10.65
N ASN A 98 -15.47 -12.68 9.73
CA ASN A 98 -15.79 -13.52 8.54
C ASN A 98 -14.76 -13.19 7.46
N ALA A 99 -13.90 -14.11 7.14
CA ALA A 99 -12.89 -13.91 6.12
C ALA A 99 -13.48 -13.62 4.74
N ALA A 100 -14.72 -14.00 4.49
CA ALA A 100 -15.36 -13.62 3.23
C ALA A 100 -15.59 -12.13 3.12
N ASP A 101 -15.51 -11.38 4.19
CA ASP A 101 -15.55 -9.91 4.13
C ASP A 101 -14.28 -9.35 3.47
N ILE A 102 -13.23 -10.16 3.45
CA ILE A 102 -11.89 -9.85 2.93
C ILE A 102 -11.15 -8.88 3.86
N THR A 103 -11.75 -7.70 4.07
CA THR A 103 -11.30 -6.73 5.07
C THR A 103 -12.38 -6.57 6.12
N PRO A 104 -12.51 -7.52 7.06
CA PRO A 104 -13.53 -7.39 8.08
C PRO A 104 -13.32 -6.14 8.93
N LEU A 105 -14.40 -5.52 9.38
CA LEU A 105 -14.36 -4.39 10.31
C LEU A 105 -14.60 -4.91 11.72
N THR A 106 -13.68 -4.65 12.62
CA THR A 106 -13.82 -5.06 14.01
C THR A 106 -14.05 -3.86 14.88
N THR A 107 -15.23 -3.76 15.45
CA THR A 107 -15.53 -2.58 16.30
C THR A 107 -14.94 -2.79 17.68
N LEU A 108 -14.15 -1.83 18.16
CA LEU A 108 -13.56 -1.90 19.51
C LEU A 108 -14.59 -1.37 20.51
N GLY A 109 -14.98 -0.10 20.37
CA GLY A 109 -15.89 0.50 21.35
C GLY A 109 -16.06 1.98 21.06
N THR A 110 -16.85 2.63 21.88
CA THR A 110 -17.12 4.06 21.74
C THR A 110 -16.14 4.88 22.57
N GLU A 111 -15.58 5.90 21.95
CA GLU A 111 -14.62 6.77 22.56
C GLU A 111 -14.94 8.19 22.11
N ASN A 112 -14.96 9.12 23.07
CA ASN A 112 -15.47 10.48 22.85
C ASN A 112 -16.81 10.48 22.08
N GLY A 113 -17.67 9.50 22.32
CA GLY A 113 -18.96 9.43 21.57
C GLY A 113 -18.93 8.87 20.13
N ALA A 114 -17.78 8.40 19.63
CA ALA A 114 -17.61 7.85 18.27
C ALA A 114 -17.31 6.36 18.29
N PRO A 115 -17.96 5.57 17.43
CA PRO A 115 -17.58 4.14 17.42
C PRO A 115 -16.25 4.00 16.71
N VAL A 116 -15.30 3.40 17.39
CA VAL A 116 -13.93 3.20 16.89
C VAL A 116 -13.77 1.74 16.47
N SER A 117 -13.26 1.56 15.25
CA SER A 117 -13.11 0.21 14.67
C SER A 117 -11.75 0.05 14.03
N LEU A 118 -11.31 -1.20 13.88
CA LEU A 118 -10.16 -1.58 13.09
C LEU A 118 -10.62 -2.16 11.77
N LEU A 119 -10.04 -1.68 10.67
CA LEU A 119 -10.30 -2.27 9.35
C LEU A 119 -9.15 -3.25 9.11
N GLU A 120 -9.47 -4.53 8.99
CA GLU A 120 -8.46 -5.55 8.95
C GLU A 120 -7.96 -5.77 7.54
N LEU A 121 -6.88 -5.07 7.21
CA LEU A 121 -6.27 -5.14 5.88
C LEU A 121 -5.17 -6.21 5.81
N SER A 122 -4.88 -6.86 6.95
CA SER A 122 -3.68 -7.65 7.10
C SER A 122 -4.00 -9.14 7.31
N ASN A 123 -5.06 -9.63 6.68
CA ASN A 123 -5.46 -11.05 6.83
C ASN A 123 -5.04 -11.89 5.65
N GLY A 124 -4.36 -11.30 4.69
CA GLY A 124 -3.83 -11.96 3.51
C GLY A 124 -2.57 -12.80 3.81
N PRO A 125 -2.00 -13.36 2.75
CA PRO A 125 -0.94 -14.40 2.97
C PRO A 125 0.29 -13.92 3.67
N THR A 126 0.59 -12.63 3.67
CA THR A 126 1.77 -12.11 4.33
C THR A 126 1.45 -11.20 5.46
N LEU A 127 0.20 -11.23 5.92
CA LEU A 127 -0.19 -10.62 7.21
CA LEU A 127 -0.21 -10.62 7.20
C LEU A 127 0.05 -9.11 7.29
N ALA A 128 -0.05 -8.42 6.16
CA ALA A 128 0.10 -6.97 6.14
C ALA A 128 -0.60 -6.44 4.93
N PHE A 129 -0.82 -5.13 4.95
CA PHE A 129 -1.82 -4.56 4.00
C PHE A 129 -1.43 -4.62 2.54
N LYS A 130 -0.15 -4.80 2.21
CA LYS A 130 0.23 -4.78 0.82
C LYS A 130 -0.25 -6.00 0.11
N ASP A 131 -0.77 -7.03 0.79
CA ASP A 131 -1.42 -8.14 0.09
C ASP A 131 -2.69 -7.66 -0.64
N MET A 132 -3.31 -6.59 -0.16
CA MET A 132 -4.55 -6.11 -0.82
C MET A 132 -4.31 -5.72 -2.26
N ALA A 133 -3.28 -4.91 -2.48
CA ALA A 133 -2.96 -4.49 -3.84
C ALA A 133 -2.17 -5.55 -4.57
N MET A 134 -1.19 -6.19 -3.92
CA MET A 134 -0.32 -7.09 -4.64
C MET A 134 -1.04 -8.28 -5.24
N GLN A 135 -1.97 -8.89 -4.50
CA GLN A 135 -2.71 -10.03 -5.06
C GLN A 135 -3.44 -9.67 -6.34
N LEU A 136 -4.01 -8.48 -6.37
CA LEU A 136 -4.68 -7.99 -7.57
C LEU A 136 -3.67 -7.77 -8.71
N LEU A 137 -2.54 -7.15 -8.40
CA LEU A 137 -1.49 -6.91 -9.42
C LEU A 137 -1.03 -8.25 -9.99
N GLY A 138 -0.95 -9.32 -9.20
CA GLY A 138 -0.50 -10.60 -9.75
C GLY A 138 -1.40 -11.03 -10.89
N ASN A 139 -2.72 -10.96 -10.69
CA ASN A 139 -3.69 -11.38 -11.71
C ASN A 139 -3.71 -10.39 -12.87
N LEU A 140 -3.68 -9.09 -12.61
CA LEU A 140 -3.64 -8.11 -13.66
C LEU A 140 -2.41 -8.27 -14.52
N PHE A 141 -1.26 -8.50 -13.92
CA PHE A 141 -0.03 -8.72 -14.66
C PHE A 141 -0.14 -9.96 -15.49
N GLU A 142 -0.58 -11.05 -14.93
CA GLU A 142 -0.65 -12.27 -15.70
C GLU A 142 -1.57 -12.11 -16.92
N TYR A 143 -2.75 -11.52 -16.71
CA TYR A 143 -3.72 -11.23 -17.76
C TYR A 143 -3.12 -10.42 -18.86
N THR A 144 -2.42 -9.33 -18.52
CA THR A 144 -1.91 -8.41 -19.53
C THR A 144 -0.74 -9.00 -20.29
N LEU A 145 0.12 -9.69 -19.60
CA LEU A 145 1.31 -10.28 -20.22
C LEU A 145 0.90 -11.42 -21.12
N ALA A 146 -0.23 -12.08 -20.87
CA ALA A 146 -0.68 -13.19 -21.74
C ALA A 146 -0.99 -12.70 -23.15
N LYS A 147 -1.42 -11.45 -23.27
CA LYS A 147 -1.74 -10.88 -24.59
C LYS A 147 -0.52 -10.83 -25.55
N HIS A 148 0.69 -10.86 -25.04
CA HIS A 148 1.90 -10.72 -25.84
C HIS A 148 2.80 -11.92 -25.78
N GLY A 149 2.42 -12.93 -25.02
CA GLY A 149 3.24 -14.11 -24.88
C GLY A 149 4.67 -13.89 -24.39
N GLU A 150 4.82 -13.04 -23.40
CA GLU A 150 6.11 -12.56 -23.00
C GLU A 150 6.20 -12.66 -21.49
N THR A 151 7.42 -12.38 -20.96
CA THR A 151 7.73 -12.46 -19.56
C THR A 151 8.23 -11.09 -19.10
N LEU A 152 7.74 -10.69 -17.97
CA LEU A 152 8.23 -9.57 -17.18
C LEU A 152 9.11 -10.10 -16.07
N ASN A 153 10.36 -9.65 -16.01
CA ASN A 153 11.30 -10.03 -14.93
C ASN A 153 11.34 -8.89 -13.91
N ILE A 154 10.51 -8.99 -12.87
CA ILE A 154 10.43 -7.95 -11.81
C ILE A 154 11.72 -7.99 -11.01
N LEU A 155 12.28 -6.81 -10.78
CA LEU A 155 13.43 -6.65 -9.85
C LEU A 155 12.97 -5.71 -8.74
N GLY A 156 13.09 -6.15 -7.49
CA GLY A 156 12.73 -5.29 -6.35
C GLY A 156 13.66 -5.53 -5.21
N ALA A 157 13.50 -4.65 -4.22
CA ALA A 157 14.23 -4.72 -2.96
C ALA A 157 13.24 -4.65 -1.81
N THR A 158 13.60 -5.27 -0.70
CA THR A 158 12.74 -5.24 0.48
C THR A 158 13.50 -5.40 1.76
N SER A 159 12.94 -4.89 2.85
CA SER A 159 13.37 -5.24 4.20
C SER A 159 12.49 -6.32 4.85
N GLY A 160 11.52 -6.84 4.12
CA GLY A 160 10.74 -7.99 4.51
C GLY A 160 9.30 -7.93 4.10
N ASP A 161 8.61 -6.84 4.30
CA ASP A 161 7.15 -6.84 4.12
C ASP A 161 6.70 -6.68 2.66
N THR A 162 7.23 -5.67 1.96
CA THR A 162 6.80 -5.47 0.59
C THR A 162 7.18 -6.65 -0.28
N GLY A 163 8.38 -7.16 -0.10
CA GLY A 163 8.84 -8.27 -0.93
C GLY A 163 8.08 -9.51 -0.68
N SER A 164 7.70 -9.75 0.57
CA SER A 164 6.84 -10.89 0.89
C SER A 164 5.51 -10.81 0.12
N ALA A 165 4.86 -9.64 0.20
CA ALA A 165 3.58 -9.45 -0.44
C ALA A 165 3.73 -9.66 -1.96
N ALA A 166 4.79 -9.10 -2.54
CA ALA A 166 5.05 -9.27 -3.95
C ALA A 166 5.24 -10.72 -4.36
N GLU A 167 6.02 -11.45 -3.60
CA GLU A 167 6.32 -12.83 -3.92
C GLU A 167 5.11 -13.73 -3.79
N TYR A 168 4.27 -13.54 -2.78
CA TYR A 168 3.05 -14.31 -2.63
C TYR A 168 2.03 -14.00 -3.71
N ALA A 169 2.07 -12.81 -4.26
CA ALA A 169 1.17 -12.45 -5.36
C ALA A 169 1.63 -12.96 -6.69
N MET A 170 2.94 -12.99 -6.90
CA MET A 170 3.49 -13.33 -8.22
C MET A 170 3.92 -14.79 -8.37
N ARG A 171 4.06 -15.50 -7.26
CA ARG A 171 4.51 -16.90 -7.36
C ARG A 171 3.51 -17.67 -8.24
N GLY A 172 4.03 -18.45 -9.17
CA GLY A 172 3.16 -19.26 -10.02
C GLY A 172 2.37 -18.55 -11.10
N LYS A 173 2.55 -17.25 -11.25
CA LYS A 173 1.88 -16.51 -12.32
C LYS A 173 2.62 -16.66 -13.63
N GLU A 174 1.90 -16.98 -14.68
CA GLU A 174 2.55 -17.14 -15.97
C GLU A 174 3.07 -15.85 -16.50
N GLY A 175 4.27 -15.89 -17.10
CA GLY A 175 4.83 -14.67 -17.71
C GLY A 175 5.53 -13.74 -16.71
N VAL A 176 5.69 -14.15 -15.47
CA VAL A 176 6.29 -13.27 -14.44
C VAL A 176 7.40 -14.03 -13.77
N ARG A 177 8.53 -13.35 -13.54
CA ARG A 177 9.51 -13.80 -12.57
C ARG A 177 9.75 -12.67 -11.57
N VAL A 178 10.16 -13.02 -10.36
CA VAL A 178 10.54 -12.02 -9.37
C VAL A 178 11.95 -12.25 -8.89
N PHE A 179 12.80 -11.26 -9.06
CA PHE A 179 14.14 -11.22 -8.50
C PHE A 179 14.09 -10.22 -7.35
N MET A 180 14.16 -10.70 -6.12
CA MET A 180 13.96 -9.90 -4.93
C MET A 180 15.26 -9.81 -4.14
N LEU A 181 15.72 -8.59 -3.94
CA LEU A 181 16.93 -8.35 -3.13
C LEU A 181 16.52 -8.07 -1.70
N SER A 182 17.14 -8.77 -0.77
CA SER A 182 16.88 -8.52 0.66
C SER A 182 18.21 -8.47 1.40
N PRO A 183 18.29 -7.78 2.52
CA PRO A 183 19.55 -7.62 3.20
C PRO A 183 19.87 -8.88 4.02
N HIS A 184 20.97 -9.57 3.71
CA HIS A 184 21.27 -10.86 4.27
C HIS A 184 21.41 -10.84 5.79
N LYS A 185 20.55 -11.61 6.48
CA LYS A 185 20.52 -11.73 7.95
C LYS A 185 20.05 -10.50 8.63
N LYS A 186 19.44 -9.56 7.94
CA LYS A 186 19.01 -8.29 8.54
C LYS A 186 17.51 -8.08 8.60
N MET A 187 16.74 -9.09 8.26
CA MET A 187 15.28 -9.02 8.38
C MET A 187 14.82 -9.85 9.58
N SER A 188 13.56 -9.65 9.98
CA SER A 188 12.96 -10.44 11.00
C SER A 188 12.80 -11.90 10.55
N ALA A 189 12.71 -12.84 11.48
CA ALA A 189 12.70 -14.25 11.13
C ALA A 189 11.43 -14.64 10.39
N PHE A 190 10.27 -14.10 10.78
CA PHE A 190 9.01 -14.45 10.15
C PHE A 190 9.05 -14.06 8.65
N GLN A 191 9.38 -12.80 8.38
CA GLN A 191 9.40 -12.26 7.01
C GLN A 191 10.44 -13.02 6.18
N THR A 192 11.61 -13.27 6.79
CA THR A 192 12.66 -14.03 6.08
C THR A 192 12.13 -15.38 5.67
N ALA A 193 11.48 -16.09 6.62
CA ALA A 193 10.96 -17.42 6.33
C ALA A 193 9.84 -17.38 5.29
N GLN A 194 8.93 -16.40 5.36
CA GLN A 194 7.85 -16.38 4.40
C GLN A 194 8.45 -16.28 2.99
N MET A 195 9.46 -15.42 2.79
CA MET A 195 10.06 -15.32 1.45
C MET A 195 10.88 -16.53 1.07
N TYR A 196 11.85 -16.85 1.93
CA TYR A 196 12.88 -17.84 1.54
C TYR A 196 12.36 -19.25 1.54
N SER A 197 11.27 -19.51 2.24
CA SER A 197 10.71 -20.88 2.16
C SER A 197 10.02 -21.17 0.86
N LEU A 198 9.79 -20.18 0.02
CA LEU A 198 9.14 -20.42 -1.26
C LEU A 198 10.02 -21.19 -2.23
N GLN A 199 9.46 -22.26 -2.79
CA GLN A 199 10.12 -23.13 -3.72
C GLN A 199 9.69 -22.89 -5.17
N ASP A 200 8.83 -21.90 -5.38
CA ASP A 200 8.27 -21.70 -6.73
C ASP A 200 9.38 -21.34 -7.71
N PRO A 201 9.42 -21.95 -8.90
CA PRO A 201 10.53 -21.69 -9.81
C PRO A 201 10.62 -20.28 -10.37
N ASN A 202 9.56 -19.48 -10.30
CA ASN A 202 9.62 -18.10 -10.79
C ASN A 202 9.98 -17.08 -9.73
N ILE A 203 10.32 -17.51 -8.54
CA ILE A 203 10.70 -16.63 -7.43
C ILE A 203 12.19 -16.84 -7.09
N PHE A 204 12.97 -15.76 -7.16
CA PHE A 204 14.39 -15.78 -6.92
C PHE A 204 14.71 -14.80 -5.79
N ASN A 205 14.94 -15.35 -4.60
CA ASN A 205 15.38 -14.58 -3.47
C ASN A 205 16.90 -14.42 -3.43
N LEU A 206 17.40 -13.20 -3.57
CA LEU A 206 18.81 -12.87 -3.54
C LEU A 206 19.06 -12.13 -2.24
N ALA A 207 19.83 -12.77 -1.37
CA ALA A 207 20.26 -12.21 -0.09
C ALA A 207 21.55 -11.43 -0.27
N VAL A 208 21.46 -10.13 -0.21
CA VAL A 208 22.58 -9.22 -0.48
C VAL A 208 23.39 -9.00 0.78
N ASN A 209 24.72 -9.16 0.70
CA ASN A 209 25.59 -8.83 1.82
C ASN A 209 25.74 -7.31 2.00
N GLY A 210 24.69 -6.69 2.46
CA GLY A 210 24.62 -5.29 2.79
C GLY A 210 23.35 -5.00 3.55
N VAL A 211 23.00 -3.74 3.62
CA VAL A 211 21.80 -3.29 4.31
C VAL A 211 20.71 -3.04 3.28
N PHE A 212 19.51 -2.71 3.73
CA PHE A 212 18.40 -2.41 2.83
C PHE A 212 18.74 -1.33 1.84
N ASP A 213 19.45 -0.28 2.25
CA ASP A 213 19.76 0.78 1.30
C ASP A 213 20.69 0.30 0.22
N ASP A 214 21.56 -0.68 0.49
CA ASP A 214 22.40 -1.29 -0.57
C ASP A 214 21.56 -2.05 -1.63
N CYS A 215 20.52 -2.71 -1.15
CA CYS A 215 19.57 -3.38 -2.05
C CYS A 215 18.85 -2.37 -2.90
N GLN A 216 18.37 -1.28 -2.31
CA GLN A 216 17.68 -0.23 -3.08
C GLN A 216 18.63 0.39 -4.10
N ASP A 217 19.90 0.55 -3.73
CA ASP A 217 20.88 1.17 -4.60
C ASP A 217 21.08 0.30 -5.85
N ILE A 218 21.13 -1.02 -5.69
CA ILE A 218 21.27 -1.91 -6.81
C ILE A 218 20.04 -1.85 -7.72
N VAL A 219 18.83 -1.83 -7.18
CA VAL A 219 17.63 -1.69 -8.02
C VAL A 219 17.73 -0.38 -8.81
N LYS A 220 18.15 0.69 -8.17
CA LYS A 220 18.33 1.98 -8.84
C LYS A 220 19.37 1.86 -9.93
N ALA A 221 20.49 1.20 -9.67
CA ALA A 221 21.53 1.11 -10.67
C ALA A 221 21.03 0.33 -11.89
N VAL A 222 20.30 -0.76 -11.70
CA VAL A 222 19.74 -1.48 -12.82
C VAL A 222 18.73 -0.59 -13.55
N SER A 223 18.00 0.28 -12.82
CA SER A 223 17.05 1.27 -13.40
C SER A 223 17.70 2.19 -14.41
N ASN A 224 18.98 2.48 -14.22
CA ASN A 224 19.72 3.41 -15.02
C ASN A 224 20.38 2.73 -16.19
N ASP A 225 20.30 1.40 -16.29
CA ASP A 225 20.92 0.68 -17.36
C ASP A 225 19.83 0.30 -18.34
N HIS A 226 19.54 1.22 -19.28
CA HIS A 226 18.37 1.06 -20.16
C HIS A 226 18.54 -0.07 -21.10
N ALA A 227 19.74 -0.35 -21.57
CA ALA A 227 19.95 -1.46 -22.44
C ALA A 227 19.68 -2.77 -21.73
N PHE A 228 20.17 -2.93 -20.50
CA PHE A 228 19.89 -4.11 -19.71
C PHE A 228 18.41 -4.25 -19.42
N LYS A 229 17.74 -3.17 -19.07
CA LYS A 229 16.30 -3.22 -18.79
C LYS A 229 15.52 -3.72 -19.99
N ALA A 230 15.89 -3.27 -21.17
CA ALA A 230 15.28 -3.77 -22.41
C ALA A 230 15.58 -5.25 -22.65
N GLN A 231 16.84 -5.62 -22.56
CA GLN A 231 17.30 -6.99 -22.80
C GLN A 231 16.56 -7.97 -21.91
N GLN A 232 16.44 -7.64 -20.64
CA GLN A 232 15.90 -8.56 -19.62
C GLN A 232 14.47 -8.27 -19.29
N LYS A 233 13.81 -7.37 -19.97
CA LYS A 233 12.40 -7.08 -19.74
C LYS A 233 12.15 -6.84 -18.25
N ILE A 234 12.92 -5.94 -17.67
CA ILE A 234 12.88 -5.65 -16.24
C ILE A 234 11.65 -4.85 -15.86
N GLY A 235 10.98 -5.31 -14.81
CA GLY A 235 9.81 -4.70 -14.25
C GLY A 235 9.98 -4.27 -12.81
N THR A 236 8.97 -3.52 -12.38
CA THR A 236 8.84 -3.07 -10.99
C THR A 236 7.41 -3.24 -10.49
N VAL A 237 7.28 -3.47 -9.19
CA VAL A 237 5.98 -3.41 -8.54
C VAL A 237 6.03 -2.42 -7.34
N ASN A 238 6.90 -1.43 -7.36
CA ASN A 238 7.02 -0.51 -6.23
C ASN A 238 5.91 0.54 -6.27
N SER A 239 5.95 1.56 -5.39
CA SER A 239 4.95 2.69 -5.43
C SER A 239 4.80 3.49 -6.69
N ILE A 240 5.70 3.37 -7.66
CA ILE A 240 5.45 4.02 -8.96
C ILE A 240 4.11 3.44 -9.53
N ASN A 241 3.59 2.31 -8.98
CA ASN A 241 2.47 1.63 -9.63
C ASN A 241 1.11 2.14 -9.32
N TRP A 242 0.45 2.68 -10.34
CA TRP A 242 -0.88 3.22 -10.18
C TRP A 242 -1.95 2.19 -9.77
N ALA A 243 -1.88 0.96 -10.29
CA ALA A 243 -2.86 -0.05 -9.97
C ALA A 243 -2.85 -0.39 -8.51
N ARG A 244 -1.70 -0.27 -7.86
CA ARG A 244 -1.66 -0.50 -6.41
C ARG A 244 -2.51 0.52 -5.66
N VAL A 245 -2.44 1.80 -6.06
CA VAL A 245 -3.29 2.83 -5.44
C VAL A 245 -4.76 2.57 -5.64
N VAL A 246 -5.18 2.23 -6.84
CA VAL A 246 -6.58 1.88 -7.12
C VAL A 246 -7.03 0.81 -6.22
N ALA A 247 -6.24 -0.27 -6.08
CA ALA A 247 -6.61 -1.35 -5.27
C ALA A 247 -6.94 -0.90 -3.87
N GLN A 248 -6.18 0.05 -3.35
CA GLN A 248 -6.34 0.52 -1.99
C GLN A 248 -7.58 1.39 -1.82
N VAL A 249 -8.03 2.07 -2.86
CA VAL A 249 -9.30 2.81 -2.82
C VAL A 249 -10.44 1.91 -2.43
N VAL A 250 -10.41 0.66 -2.87
CA VAL A 250 -11.52 -0.26 -2.66
C VAL A 250 -11.81 -0.44 -1.16
N TYR A 251 -10.80 -0.61 -0.31
CA TYR A 251 -11.08 -0.94 1.07
C TYR A 251 -11.57 0.27 1.85
N TYR A 252 -11.35 1.48 1.37
CA TYR A 252 -12.01 2.64 1.97
C TYR A 252 -13.52 2.57 1.76
N PHE A 253 -13.94 2.22 0.56
CA PHE A 253 -15.36 1.99 0.29
C PHE A 253 -15.88 0.86 1.18
N LYS A 254 -15.19 -0.28 1.25
CA LYS A 254 -15.66 -1.43 2.02
C LYS A 254 -15.80 -1.02 3.48
N GLY A 255 -14.78 -0.37 4.03
CA GLY A 255 -14.82 0.06 5.44
C GLY A 255 -15.93 1.06 5.73
N TYR A 256 -16.13 2.00 4.83
CA TYR A 256 -17.23 2.95 4.98
C TYR A 256 -18.54 2.26 5.09
N PHE A 257 -18.84 1.32 4.20
CA PHE A 257 -20.13 0.63 4.25
C PHE A 257 -20.27 -0.21 5.51
N ALA A 258 -19.20 -0.87 5.91
CA ALA A 258 -19.25 -1.76 7.08
C ALA A 258 -19.45 -0.94 8.37
N ALA A 259 -19.00 0.31 8.38
CA ALA A 259 -19.02 1.16 9.60
C ALA A 259 -20.35 1.90 9.74
N THR A 260 -21.25 1.81 8.75
CA THR A 260 -22.46 2.68 8.65
C THR A 260 -23.69 1.80 8.34
N ARG A 261 -24.87 2.36 8.55
CA ARG A 261 -26.12 1.74 8.12
C ARG A 261 -26.65 2.34 6.84
N SER A 262 -26.35 3.59 6.55
CA SER A 262 -26.81 4.23 5.36
C SER A 262 -25.84 5.30 4.91
N ASN A 263 -26.01 5.70 3.67
CA ASN A 263 -25.12 6.64 3.02
C ASN A 263 -25.33 8.09 3.45
N ASP A 264 -26.25 8.29 4.40
CA ASP A 264 -26.37 9.57 5.05
C ASP A 264 -25.28 9.81 6.10
N GLU A 265 -24.54 8.77 6.47
CA GLU A 265 -23.53 8.91 7.50
C GLU A 265 -22.18 9.26 6.93
N ARG A 266 -21.33 9.87 7.73
CA ARG A 266 -19.96 10.20 7.40
C ARG A 266 -19.05 9.42 8.31
N VAL A 267 -17.88 9.04 7.81
CA VAL A 267 -16.88 8.23 8.52
C VAL A 267 -15.53 8.87 8.40
N SER A 268 -14.72 8.85 9.46
CA SER A 268 -13.35 9.24 9.39
C SER A 268 -12.44 8.01 9.38
N PHE A 269 -11.28 8.17 8.77
CA PHE A 269 -10.28 7.13 8.71
C PHE A 269 -8.99 7.62 9.26
N THR A 270 -8.21 6.75 9.91
CA THR A 270 -6.84 7.05 10.33
C THR A 270 -5.89 6.09 9.66
N VAL A 271 -4.89 6.71 9.02
CA VAL A 271 -3.83 6.03 8.25
C VAL A 271 -2.53 6.04 9.05
N PRO A 272 -2.01 4.87 9.50
CA PRO A 272 -0.74 4.78 10.20
C PRO A 272 0.43 5.20 9.33
N SER A 273 1.50 5.64 10.01
CA SER A 273 2.86 5.68 9.39
C SER A 273 3.02 6.63 8.20
N GLY A 274 2.10 7.60 8.04
CA GLY A 274 2.23 8.66 7.01
C GLY A 274 2.42 8.08 5.64
N ASN A 275 1.84 6.92 5.42
CA ASN A 275 2.07 6.18 4.19
C ASN A 275 1.30 6.85 3.05
N PHE A 276 2.07 7.33 2.05
CA PHE A 276 1.44 8.16 1.01
C PHE A 276 0.57 7.37 0.11
N GLY A 277 0.77 6.06 -0.04
CA GLY A 277 -0.15 5.29 -0.83
C GLY A 277 -1.55 5.26 -0.23
N ASN A 278 -1.62 5.04 1.10
CA ASN A 278 -2.91 5.15 1.84
C ASN A 278 -3.45 6.56 1.93
N VAL A 279 -2.58 7.56 2.08
CA VAL A 279 -3.01 8.95 1.98
C VAL A 279 -3.69 9.15 0.63
N CYS A 280 -3.02 8.75 -0.44
CA CYS A 280 -3.52 8.99 -1.74
C CYS A 280 -4.84 8.27 -1.95
N ALA A 281 -4.88 6.99 -1.58
CA ALA A 281 -6.08 6.17 -1.79
C ALA A 281 -7.29 6.71 -1.05
N GLY A 282 -7.09 7.14 0.21
CA GLY A 282 -8.17 7.70 0.98
C GLY A 282 -8.67 9.01 0.39
N HIS A 283 -7.73 9.86 -0.03
CA HIS A 283 -8.04 11.12 -0.70
C HIS A 283 -8.80 10.84 -1.98
N ILE A 284 -8.36 9.87 -2.77
CA ILE A 284 -9.04 9.56 -4.03
C ILE A 284 -10.46 9.07 -3.78
N ALA A 285 -10.67 8.19 -2.77
CA ALA A 285 -12.01 7.73 -2.44
C ALA A 285 -12.92 8.93 -2.12
N ARG A 286 -12.42 9.81 -1.25
CA ARG A 286 -13.19 11.01 -0.91
C ARG A 286 -13.50 11.84 -2.15
N MET A 287 -12.51 12.05 -3.03
CA MET A 287 -12.70 12.84 -4.25
C MET A 287 -13.74 12.21 -5.20
N MET A 288 -13.87 10.89 -5.17
CA MET A 288 -14.87 10.18 -5.99
C MET A 288 -16.29 10.33 -5.44
N GLY A 289 -16.45 10.83 -4.20
CA GLY A 289 -17.75 10.91 -3.56
C GLY A 289 -18.02 10.03 -2.36
N LEU A 290 -17.01 9.31 -1.91
CA LEU A 290 -17.21 8.53 -0.66
C LEU A 290 -17.37 9.52 0.52
N PRO A 291 -18.36 9.33 1.40
CA PRO A 291 -18.56 10.31 2.49
C PRO A 291 -17.60 10.16 3.66
N ILE A 292 -16.32 10.42 3.38
CA ILE A 292 -15.27 10.51 4.41
C ILE A 292 -15.30 11.91 5.00
N GLU A 293 -15.28 11.97 6.34
CA GLU A 293 -15.22 13.26 7.05
C GLU A 293 -13.74 13.68 7.14
N LYS A 294 -12.96 13.09 8.02
CA LYS A 294 -11.52 13.37 8.11
C LYS A 294 -10.71 12.20 7.66
N LEU A 295 -9.59 12.54 7.05
CA LEU A 295 -8.46 11.63 6.81
C LEU A 295 -7.35 12.00 7.76
N VAL A 296 -7.19 11.20 8.79
CA VAL A 296 -6.22 11.44 9.85
C VAL A 296 -4.95 10.73 9.55
N VAL A 297 -3.80 11.41 9.52
CA VAL A 297 -2.52 10.84 9.15
C VAL A 297 -1.65 10.77 10.38
N ALA A 298 -1.31 9.57 10.83
CA ALA A 298 -0.43 9.33 11.97
C ALA A 298 0.99 9.27 11.42
N THR A 299 1.89 10.06 12.03
CA THR A 299 3.25 10.19 11.51
C THR A 299 4.31 9.74 12.51
N ASN A 300 3.93 8.99 13.56
CA ASN A 300 4.86 8.49 14.61
C ASN A 300 5.85 9.60 15.04
N GLU A 301 7.16 9.39 15.00
CA GLU A 301 8.09 10.48 15.43
C GLU A 301 8.86 11.06 14.22
N ASN A 302 8.33 10.83 13.02
CA ASN A 302 8.94 11.30 11.79
C ASN A 302 8.72 12.79 11.69
N ASP A 303 9.80 13.54 11.88
CA ASP A 303 9.75 15.01 11.89
C ASP A 303 9.44 15.60 10.50
N VAL A 304 9.88 14.94 9.43
CA VAL A 304 9.69 15.45 8.06
C VAL A 304 8.21 15.44 7.70
N LEU A 305 7.56 14.32 8.01
CA LEU A 305 6.15 14.14 7.73
C LEU A 305 5.33 15.04 8.60
N ASP A 306 5.67 15.10 9.89
CA ASP A 306 4.98 16.01 10.79
C ASP A 306 5.10 17.40 10.24
N GLU A 307 6.32 17.86 9.91
CA GLU A 307 6.51 19.23 9.43
C GLU A 307 5.68 19.53 8.19
N PHE A 308 5.66 18.61 7.23
CA PHE A 308 4.85 18.80 6.03
C PHE A 308 3.35 18.94 6.34
N PHE A 309 2.77 18.03 7.09
CA PHE A 309 1.33 18.09 7.31
C PHE A 309 0.89 19.23 8.21
N ARG A 310 1.78 19.62 9.10
CA ARG A 310 1.51 20.74 10.01
C ARG A 310 1.65 22.10 9.32
N THR A 311 2.62 22.24 8.43
CA THR A 311 3.03 23.56 7.89
C THR A 311 3.05 23.71 6.37
N GLY A 312 3.10 22.62 5.63
CA GLY A 312 3.20 22.68 4.17
C GLY A 312 4.63 22.82 3.63
N ALA A 313 5.61 22.82 4.53
CA ALA A 313 6.99 23.10 4.20
C ALA A 313 7.84 21.81 4.28
N TYR A 314 8.91 21.80 3.52
CA TYR A 314 9.92 20.72 3.51
C TYR A 314 11.27 21.38 3.32
N ARG A 315 12.24 21.06 4.18
CA ARG A 315 13.58 21.65 4.06
C ARG A 315 14.57 20.53 3.80
N VAL A 316 15.24 20.57 2.64
CA VAL A 316 16.15 19.50 2.21
C VAL A 316 17.48 19.61 2.96
N ALA A 335 9.32 9.97 -2.32
CA ALA A 335 8.13 9.11 -2.39
C ALA A 335 7.30 9.38 -3.63
N SER A 336 7.10 8.33 -4.45
CA SER A 336 6.26 8.38 -5.64
C SER A 336 4.94 8.99 -5.20
N ASN A 337 4.37 8.50 -4.12
CA ASN A 337 3.02 8.89 -3.91
C ASN A 337 2.92 10.27 -3.25
N PHE A 338 3.99 10.76 -2.62
CA PHE A 338 3.99 12.17 -2.22
C PHE A 338 3.74 13.06 -3.47
N GLU A 339 4.43 12.75 -4.58
CA GLU A 339 4.32 13.55 -5.78
C GLU A 339 2.90 13.54 -6.33
N ARG A 340 2.20 12.39 -6.30
CA ARG A 340 0.80 12.38 -6.75
C ARG A 340 -0.05 13.28 -5.83
N PHE A 341 0.21 13.24 -4.53
CA PHE A 341 -0.58 14.03 -3.59
C PHE A 341 -0.31 15.53 -3.79
N VAL A 342 0.97 15.91 -3.95
CA VAL A 342 1.29 17.29 -4.06
C VAL A 342 0.77 17.85 -5.39
N PHE A 343 0.73 17.01 -6.45
CA PHE A 343 0.11 17.44 -7.71
C PHE A 343 -1.34 17.94 -7.47
N ASP A 344 -2.09 17.20 -6.67
CA ASP A 344 -3.47 17.62 -6.36
C ASP A 344 -3.45 18.88 -5.47
N LEU A 345 -2.54 18.97 -4.50
CA LEU A 345 -2.47 20.21 -3.70
C LEU A 345 -2.17 21.42 -4.56
N LEU A 346 -1.46 21.23 -5.68
CA LEU A 346 -1.07 22.32 -6.57
C LEU A 346 -2.09 22.45 -7.70
N GLY A 347 -3.30 21.98 -7.51
CA GLY A 347 -4.34 22.21 -8.52
C GLY A 347 -4.30 21.38 -9.76
N ARG A 348 -3.52 20.29 -9.70
CA ARG A 348 -3.28 19.41 -10.85
C ARG A 348 -2.58 20.14 -12.00
N ASP A 349 -1.71 21.06 -11.62
CA ASP A 349 -0.93 21.79 -12.59
C ASP A 349 0.49 21.26 -12.62
N PRO A 350 0.85 20.54 -13.73
CA PRO A 350 2.16 19.94 -13.75
C PRO A 350 3.34 20.93 -13.73
N ALA A 351 3.12 22.14 -14.25
CA ALA A 351 4.16 23.20 -14.23
C ALA A 351 4.55 23.53 -12.78
N ARG A 352 3.55 23.55 -11.88
CA ARG A 352 3.77 23.81 -10.44
C ARG A 352 4.54 22.66 -9.80
N VAL A 353 4.28 21.41 -10.21
CA VAL A 353 5.01 20.30 -9.65
C VAL A 353 6.48 20.40 -10.06
N VAL A 354 6.72 20.65 -11.33
CA VAL A 354 8.10 20.75 -11.79
C VAL A 354 8.86 21.84 -10.99
N GLN A 355 8.20 22.97 -10.75
CA GLN A 355 8.75 24.08 -9.94
C GLN A 355 9.06 23.67 -8.49
N LEU A 356 8.15 22.95 -7.86
CA LEU A 356 8.41 22.44 -6.53
C LEU A 356 9.68 21.60 -6.49
N PHE A 357 9.84 20.71 -7.48
CA PHE A 357 11.06 19.90 -7.55
C PHE A 357 12.31 20.74 -7.90
N ARG A 358 12.13 21.81 -8.68
CA ARG A 358 13.17 22.82 -8.91
C ARG A 358 13.51 23.60 -7.62
N ASP A 359 12.50 23.99 -6.85
CA ASP A 359 12.72 24.62 -5.53
C ASP A 359 13.54 23.70 -4.62
N VAL A 360 13.17 22.41 -4.58
CA VAL A 360 13.90 21.44 -3.77
C VAL A 360 15.38 21.38 -4.21
N GLU A 361 15.60 21.26 -5.52
CA GLU A 361 16.96 21.10 -6.07
C GLU A 361 17.76 22.42 -6.05
N GLN A 362 17.13 23.54 -6.42
CA GLN A 362 17.81 24.84 -6.51
C GLN A 362 17.83 25.65 -5.21
N LYS A 363 16.77 25.54 -4.39
CA LYS A 363 16.63 26.40 -3.21
C LYS A 363 16.53 25.67 -1.86
N GLY A 364 16.69 24.35 -1.84
CA GLY A 364 16.79 23.59 -0.60
C GLY A 364 15.48 23.23 0.10
N GLY A 365 14.38 23.26 -0.63
CA GLY A 365 13.08 22.80 -0.10
C GLY A 365 11.89 23.50 -0.74
N PHE A 366 10.70 23.31 -0.17
CA PHE A 366 9.51 24.00 -0.67
C PHE A 366 8.67 24.54 0.49
N ASP A 367 7.77 25.46 0.17
CA ASP A 367 6.93 26.10 1.20
C ASP A 367 5.54 26.36 0.61
N LEU A 368 4.63 25.40 0.81
CA LEU A 368 3.31 25.51 0.25
C LEU A 368 2.45 26.56 0.93
N ALA A 369 2.74 26.90 2.17
CA ALA A 369 2.01 28.00 2.87
C ALA A 369 2.30 29.32 2.14
N ALA A 370 3.59 29.56 1.88
CA ALA A 370 3.98 30.82 1.23
C ALA A 370 3.35 30.95 -0.14
N SER A 371 3.22 29.84 -0.87
CA SER A 371 2.66 29.88 -2.23
C SER A 371 1.13 29.83 -2.28
N GLY A 372 0.48 29.72 -1.12
CA GLY A 372 -0.98 29.67 -1.06
C GLY A 372 -1.62 28.33 -1.39
N ASP A 373 -0.86 27.25 -1.32
CA ASP A 373 -1.36 25.91 -1.70
C ASP A 373 -1.63 25.01 -0.50
N PHE A 374 -1.06 25.35 0.66
CA PHE A 374 -1.24 24.54 1.84
C PHE A 374 -2.69 24.42 2.29
N ALA A 375 -3.53 25.41 1.97
CA ALA A 375 -4.94 25.36 2.31
C ALA A 375 -5.64 24.14 1.74
N ARG A 376 -5.14 23.57 0.67
CA ARG A 376 -5.77 22.35 0.10
C ARG A 376 -5.63 21.12 0.99
N VAL A 377 -4.66 21.10 1.91
CA VAL A 377 -4.53 19.91 2.81
C VAL A 377 -5.78 19.75 3.68
N ALA A 378 -6.17 20.83 4.39
CA ALA A 378 -7.41 20.77 5.18
C ALA A 378 -8.64 20.66 4.29
N GLU A 379 -8.62 21.31 3.13
CA GLU A 379 -9.72 21.24 2.18
C GLU A 379 -10.05 19.77 1.88
N PHE A 380 -8.99 18.98 1.67
CA PHE A 380 -9.12 17.57 1.33
C PHE A 380 -9.45 16.67 2.52
N GLY A 381 -9.66 17.24 3.68
CA GLY A 381 -10.05 16.53 4.88
C GLY A 381 -8.89 16.05 5.76
N PHE A 382 -7.68 16.45 5.50
CA PHE A 382 -6.52 15.95 6.21
C PHE A 382 -6.26 16.69 7.49
N VAL A 383 -5.83 15.93 8.49
CA VAL A 383 -5.29 16.39 9.77
C VAL A 383 -4.21 15.36 10.13
N SER A 384 -3.30 15.68 11.02
CA SER A 384 -2.21 14.76 11.37
C SER A 384 -1.92 14.82 12.86
N GLY A 385 -1.22 13.80 13.30
CA GLY A 385 -0.67 13.75 14.64
C GLY A 385 0.48 12.75 14.69
N ARG A 386 1.13 12.74 15.87
CA ARG A 386 2.41 12.05 16.10
C ARG A 386 2.19 11.03 17.20
N SER A 387 3.10 10.09 17.26
CA SER A 387 3.19 9.21 18.45
C SER A 387 4.66 8.92 18.75
N THR A 388 4.93 8.65 20.03
CA THR A 388 6.23 8.20 20.49
C THR A 388 6.18 6.69 20.77
N HIS A 389 7.37 6.09 20.87
CA HIS A 389 7.46 4.71 21.26
C HIS A 389 6.70 4.44 22.56
N ALA A 390 6.87 5.24 23.61
CA ALA A 390 6.11 5.07 24.84
C ALA A 390 4.60 5.11 24.64
N ASP A 391 4.18 6.01 23.74
CA ASP A 391 2.76 6.13 23.43
C ASP A 391 2.24 4.82 22.81
N ARG A 392 3.01 4.25 21.91
CA ARG A 392 2.56 3.07 21.21
C ARG A 392 2.51 1.87 22.17
N ILE A 393 3.49 1.74 23.07
CA ILE A 393 3.50 0.63 24.05
C ILE A 393 2.28 0.75 24.96
N ALA A 394 2.01 1.96 25.42
CA ALA A 394 0.87 2.20 26.24
C ALA A 394 -0.46 1.87 25.53
N THR A 395 -0.54 2.20 24.24
CA THR A 395 -1.72 1.92 23.43
C THR A 395 -1.92 0.41 23.21
N ILE A 396 -0.85 -0.33 22.95
CA ILE A 396 -0.90 -1.77 22.84
C ILE A 396 -1.40 -2.39 24.12
N ARG A 397 -0.83 -1.97 25.24
CA ARG A 397 -1.27 -2.49 26.56
C ARG A 397 -2.75 -2.18 26.85
N ASP A 398 -3.16 -0.95 26.53
CA ASP A 398 -4.56 -0.50 26.72
C ASP A 398 -5.51 -1.40 25.94
N VAL A 399 -5.18 -1.61 24.67
CA VAL A 399 -6.05 -2.38 23.82
C VAL A 399 -6.12 -3.82 24.27
N PHE A 400 -5.00 -4.40 24.69
CA PHE A 400 -4.98 -5.76 25.11
C PHE A 400 -5.84 -5.92 26.40
N GLU A 401 -5.76 -4.96 27.30
CA GLU A 401 -6.56 -5.03 28.51
CA GLU A 401 -6.55 -4.98 28.53
C GLU A 401 -8.03 -4.67 28.29
N ARG A 402 -8.32 -3.58 27.57
CA ARG A 402 -9.69 -3.04 27.48
CA ARG A 402 -9.69 -3.02 27.46
C ARG A 402 -10.48 -3.71 26.39
N TYR A 403 -9.85 -3.98 25.25
CA TYR A 403 -10.56 -4.59 24.15
C TYR A 403 -10.15 -6.07 23.90
N ARG A 404 -9.29 -6.61 24.73
CA ARG A 404 -8.93 -8.04 24.70
C ARG A 404 -8.38 -8.56 23.37
N THR A 405 -7.48 -7.78 22.77
CA THR A 405 -6.88 -8.15 21.47
C THR A 405 -5.49 -7.55 21.36
N MET A 406 -4.64 -8.20 20.55
CA MET A 406 -3.31 -7.64 20.18
C MET A 406 -3.37 -6.80 18.93
N ILE A 407 -2.76 -5.62 18.99
CA ILE A 407 -2.50 -4.80 17.82
C ILE A 407 -1.00 -4.52 17.78
N ASP A 408 -0.48 -4.27 16.59
CA ASP A 408 0.94 -4.01 16.39
C ASP A 408 1.25 -2.52 16.57
N THR A 409 2.55 -2.18 16.40
CA THR A 409 3.03 -0.84 16.57
C THR A 409 2.45 0.17 15.57
N HIS A 410 2.28 -0.26 14.34
CA HIS A 410 1.72 0.66 13.34
C HIS A 410 0.28 0.94 13.63
N THR A 411 -0.47 -0.09 13.97
CA THR A 411 -1.88 0.07 14.29
C THR A 411 -2.05 0.93 15.54
N ALA A 412 -1.12 0.77 16.50
CA ALA A 412 -1.11 1.55 17.73
C ALA A 412 -0.81 3.05 17.45
N ASP A 413 0.14 3.33 16.58
CA ASP A 413 0.44 4.71 16.10
C ASP A 413 -0.89 5.29 15.59
N GLY A 414 -1.57 4.53 14.71
CA GLY A 414 -2.86 4.94 14.17
C GLY A 414 -3.90 5.19 15.22
N LEU A 415 -4.10 4.26 16.13
CA LEU A 415 -5.13 4.41 17.12
C LEU A 415 -4.85 5.62 18.07
N LYS A 416 -3.59 5.82 18.44
CA LYS A 416 -3.21 6.94 19.33
C LYS A 416 -3.64 8.25 18.66
N VAL A 417 -3.27 8.41 17.41
CA VAL A 417 -3.58 9.64 16.67
C VAL A 417 -5.10 9.75 16.43
N ALA A 418 -5.75 8.64 16.07
CA ALA A 418 -7.18 8.61 15.82
C ALA A 418 -7.93 9.19 17.00
N ARG A 419 -7.45 8.86 18.19
CA ARG A 419 -8.08 9.24 19.45
C ARG A 419 -8.04 10.75 19.67
N GLU A 420 -7.15 11.43 18.97
CA GLU A 420 -7.04 12.91 19.05
C GLU A 420 -8.03 13.61 18.08
N HIS A 421 -8.79 12.84 17.29
CA HIS A 421 -9.68 13.40 16.24
C HIS A 421 -11.05 12.75 16.13
N LEU A 422 -11.59 12.40 17.29
CA LEU A 422 -12.90 11.82 17.36
C LEU A 422 -13.95 12.85 17.49
N ARG A 423 -15.03 12.66 16.75
CA ARG A 423 -16.19 13.55 16.78
C ARG A 423 -17.37 12.67 17.19
N PRO A 424 -18.06 13.06 18.30
CA PRO A 424 -19.24 12.32 18.73
C PRO A 424 -20.13 12.06 17.54
N GLY A 425 -20.58 10.83 17.32
CA GLY A 425 -21.45 10.51 16.19
C GLY A 425 -20.84 10.13 14.83
N VAL A 426 -19.51 10.23 14.72
CA VAL A 426 -18.84 9.96 13.46
C VAL A 426 -17.95 8.70 13.67
N PRO A 427 -18.32 7.58 13.02
CA PRO A 427 -17.41 6.43 13.12
C PRO A 427 -15.96 6.79 12.73
N MET A 428 -15.03 6.23 13.47
CA MET A 428 -13.61 6.32 13.21
C MET A 428 -13.05 4.96 12.93
N VAL A 429 -12.48 4.81 11.75
CA VAL A 429 -11.92 3.53 11.28
C VAL A 429 -10.42 3.63 11.18
N VAL A 430 -9.72 2.83 11.91
CA VAL A 430 -8.25 2.80 11.95
C VAL A 430 -7.82 1.65 11.05
N LEU A 431 -6.92 1.90 10.11
CA LEU A 431 -6.41 0.82 9.27
C LEU A 431 -5.45 -0.05 10.02
N GLU A 432 -5.66 -1.36 10.00
CA GLU A 432 -4.72 -2.33 10.56
C GLU A 432 -3.79 -2.76 9.45
N THR A 433 -2.58 -2.22 9.44
CA THR A 433 -1.66 -2.34 8.33
C THR A 433 -0.62 -3.48 8.45
N ALA A 434 -0.49 -4.08 9.62
CA ALA A 434 0.30 -5.29 9.81
C ALA A 434 -0.24 -6.00 11.02
N GLN A 435 -0.19 -7.32 11.04
CA GLN A 435 -0.53 -8.08 12.23
C GLN A 435 0.65 -8.11 13.22
N PRO A 436 0.35 -8.28 14.51
CA PRO A 436 1.40 -8.36 15.56
C PRO A 436 2.57 -9.29 15.28
N ILE A 437 2.31 -10.44 14.67
CA ILE A 437 3.41 -11.39 14.40
C ILE A 437 4.49 -10.74 13.50
N LYS A 438 4.14 -9.72 12.71
CA LYS A 438 5.13 -9.10 11.84
C LYS A 438 6.11 -8.16 12.55
N PHE A 439 5.73 -7.69 13.74
CA PHE A 439 6.47 -6.70 14.56
C PHE A 439 6.44 -7.17 16.00
N GLY A 440 7.12 -8.26 16.27
CA GLY A 440 7.07 -8.89 17.58
C GLY A 440 7.81 -8.20 18.70
N GLU A 441 8.79 -7.36 18.41
CA GLU A 441 9.61 -6.76 19.48
C GLU A 441 8.76 -5.90 20.39
N SER A 442 7.90 -5.06 19.84
CA SER A 442 7.09 -4.21 20.64
C SER A 442 5.99 -4.99 21.39
N ILE A 443 5.56 -6.12 20.81
CA ILE A 443 4.59 -6.98 21.51
C ILE A 443 5.27 -7.60 22.76
N ARG A 444 6.49 -8.08 22.64
CA ARG A 444 7.21 -8.60 23.76
C ARG A 444 7.40 -7.53 24.82
N GLU A 445 7.76 -6.31 24.42
CA GLU A 445 8.00 -5.23 25.36
C GLU A 445 6.66 -4.83 26.06
N ALA A 446 5.58 -4.69 25.29
CA ALA A 446 4.30 -4.26 25.84
C ALA A 446 3.61 -5.31 26.70
N LEU A 447 3.56 -6.55 26.15
CA LEU A 447 2.69 -7.64 26.67
C LEU A 447 3.43 -8.81 27.26
N GLY A 448 4.75 -8.77 27.29
CA GLY A 448 5.55 -9.79 27.95
C GLY A 448 5.45 -11.17 27.35
N GLN A 449 5.16 -11.24 26.07
CA GLN A 449 4.93 -12.50 25.37
C GLN A 449 5.11 -12.29 23.90
N GLU A 450 5.34 -13.40 23.23
CA GLU A 450 5.29 -13.41 21.76
C GLU A 450 3.89 -13.15 21.22
N PRO A 451 3.82 -12.65 19.95
CA PRO A 451 2.53 -12.52 19.33
C PRO A 451 1.85 -13.86 19.30
N SER A 452 0.55 -13.89 19.48
CA SER A 452 -0.18 -15.17 19.41
C SER A 452 -0.27 -15.60 17.94
N ARG A 453 -0.23 -16.92 17.74
CA ARG A 453 -0.23 -17.47 16.40
C ARG A 453 -0.86 -18.84 16.42
N PRO A 454 -1.66 -19.14 15.39
CA PRO A 454 -2.36 -20.43 15.34
C PRO A 454 -1.52 -21.52 14.74
N ALA A 455 -2.02 -22.73 14.85
CA ALA A 455 -1.35 -23.90 14.32
C ALA A 455 -1.04 -23.79 12.82
N ALA A 456 -1.83 -23.01 12.09
CA ALA A 456 -1.56 -22.77 10.67
C ALA A 456 -0.15 -22.33 10.39
N PHE A 457 0.53 -21.64 11.35
CA PHE A 457 1.89 -21.11 11.10
C PHE A 457 2.95 -21.92 11.82
N ASP A 458 2.63 -23.04 12.45
CA ASP A 458 3.65 -23.80 13.13
C ASP A 458 4.71 -24.31 12.15
N GLY A 459 5.98 -24.10 12.50
CA GLY A 459 7.12 -24.58 11.76
C GLY A 459 7.61 -23.69 10.63
N LEU A 460 6.95 -22.57 10.39
CA LEU A 460 7.32 -21.68 9.29
C LEU A 460 8.84 -21.38 9.28
N GLU A 461 9.33 -20.93 10.42
CA GLU A 461 10.73 -20.46 10.54
C GLU A 461 11.72 -21.61 10.40
N ALA A 462 11.30 -22.84 10.55
CA ALA A 462 12.19 -23.98 10.43
C ALA A 462 12.12 -24.64 9.05
N LEU A 463 11.22 -24.21 8.16
CA LEU A 463 11.16 -24.77 6.84
C LEU A 463 12.50 -24.54 6.09
N PRO A 464 12.83 -25.47 5.20
CA PRO A 464 14.03 -25.27 4.38
C PRO A 464 13.95 -23.95 3.59
N GLN A 465 15.04 -23.22 3.60
CA GLN A 465 15.09 -21.94 2.95
C GLN A 465 15.91 -22.01 1.70
N ARG A 466 15.41 -21.38 0.68
CA ARG A 466 15.96 -21.32 -0.67
C ARG A 466 16.29 -19.86 -1.02
N PHE A 467 17.57 -19.55 -1.21
CA PHE A 467 18.03 -18.19 -1.49
C PHE A 467 19.44 -18.32 -2.08
N GLU A 468 19.84 -17.26 -2.73
CA GLU A 468 21.17 -17.10 -3.31
C GLU A 468 21.78 -15.89 -2.68
N VAL A 469 22.89 -16.07 -1.99
CA VAL A 469 23.64 -14.95 -1.44
C VAL A 469 24.51 -14.29 -2.49
N VAL A 470 24.42 -12.97 -2.59
CA VAL A 470 25.21 -12.14 -3.49
C VAL A 470 25.81 -11.01 -2.68
N ASP A 471 26.92 -10.47 -3.16
CA ASP A 471 27.49 -9.28 -2.56
C ASP A 471 26.79 -8.03 -3.00
N ALA A 472 27.13 -6.89 -2.39
CA ALA A 472 26.52 -5.61 -2.75
C ALA A 472 27.21 -5.10 -4.00
N ASN A 473 26.77 -5.67 -5.12
CA ASN A 473 27.44 -5.52 -6.40
C ASN A 473 26.36 -5.62 -7.49
N ALA A 474 26.11 -4.49 -8.17
CA ALA A 474 25.06 -4.45 -9.15
C ALA A 474 25.32 -5.39 -10.29
N GLN A 475 26.56 -5.49 -10.76
CA GLN A 475 26.84 -6.41 -11.86
C GLN A 475 26.60 -7.88 -11.43
N GLN A 476 26.87 -8.23 -10.18
CA GLN A 476 26.53 -9.60 -9.73
C GLN A 476 25.05 -9.86 -9.88
N VAL A 477 24.22 -8.88 -9.58
CA VAL A 477 22.76 -9.06 -9.74
C VAL A 477 22.36 -9.12 -11.21
N LYS A 478 22.94 -8.25 -12.03
CA LYS A 478 22.68 -8.31 -13.47
C LYS A 478 23.03 -9.69 -14.03
N ASP A 479 24.23 -10.20 -13.65
CA ASP A 479 24.69 -11.54 -14.11
C ASP A 479 23.69 -12.61 -13.67
N PHE A 480 23.26 -12.55 -12.42
CA PHE A 480 22.28 -13.53 -11.96
C PHE A 480 21.02 -13.51 -12.76
N ILE A 481 20.49 -12.32 -12.98
CA ILE A 481 19.24 -12.21 -13.76
C ILE A 481 19.47 -12.79 -15.17
N ALA A 482 20.52 -12.39 -15.83
CA ALA A 482 20.76 -12.87 -17.18
C ALA A 482 20.90 -14.37 -17.26
N ALA A 483 21.40 -15.01 -16.21
CA ALA A 483 21.60 -16.45 -16.17
C ALA A 483 20.36 -17.21 -15.78
N HIS A 484 19.27 -16.52 -15.41
CA HIS A 484 18.05 -17.13 -14.88
C HIS A 484 16.75 -16.69 -15.57
N THR A 485 16.86 -16.14 -16.75
CA THR A 485 15.66 -15.69 -17.50
C THR A 485 15.57 -16.37 -18.84
N GLY A 486 16.70 -16.86 -19.37
CA GLY A 486 16.76 -17.37 -20.73
C GLY A 486 16.73 -16.28 -21.80
N ALA A 487 16.88 -15.00 -21.44
CA ALA A 487 16.81 -13.90 -22.43
C ALA A 487 18.05 -13.92 -23.31
#